data_7WC9
#
_entry.id   7WC9
#
_cell.length_a   49.530
_cell.length_b   54.950
_cell.length_c   179.880
_cell.angle_alpha   90.000
_cell.angle_beta   90.000
_cell.angle_gamma   90.000
#
_symmetry.space_group_name_H-M   'P 21 2 21'
#
loop_
_entity.id
_entity.type
_entity.pdbx_description
1 polymer '5-hydroxytryptamine receptor 2A,5-hydroxytryptamine receptor 2A,Soluble cytochrome b562'
2 non-polymer 'MAGNESIUM ION'
3 non-polymer CHOLESTEROL
4 non-polymer '(2R)-2,3-dihydroxypropyl (9Z)-octadec-9-enoate'
5 non-polymer (10~{R},15~{S})-12-[3-(2-methoxyphenyl)propyl]-4-methyl-1,4,12-triazatetracyclo[7.6.1.0^{5,16}.0^{10,15}]hexadeca-5(16),6,8-triene
6 non-polymer 'PENTAETHYLENE GLYCOL'
7 non-polymer DI(HYDROXYETHYL)ETHER
8 water water
#
_entity_poly.entity_id   1
_entity_poly.type   'polypeptide(L)'
_entity_poly.pdbx_seq_one_letter_code
;SLLHLQEKNWSALLTAVVIILTIAGNILVIMAVSLEKKLQNATNYFLMSLAIADMLLGFLVMPVSMLTILYGYRWPLPSK
LCAVWIYLDVLFSTAKIWHLCAISLDRYVAIQNPIHHSRFNSRTKAFLKIIAVWTISVGISMPIPVFGLQDDSKVFKEGS
CLLADDNFVLIGSFVSFFIPLTIMVITYFLTIKSLQKEAADLEDNWETLNDNLKVIEKADNAAQVKDALTKMRAAALDAG
SGSGDILVGQIDDALKLANEGKVKEAQAAAEQLKTTINAYIQKYGQSISNEQKACKVLGIVFFLFVVMWCPFFITNIMAV
ICKESCNEDVIGALLNVFVWIGYLNSAVNPLVYTLFNKTYRSAFSRYIQCQYKENK
;
_entity_poly.pdbx_strand_id   A
#
# COMPACT_ATOMS: atom_id res chain seq x y z
N LEU A 5 0.12 7.71 -40.80
CA LEU A 5 1.61 7.59 -40.70
C LEU A 5 2.06 8.45 -39.52
N GLN A 6 3.27 9.01 -39.58
CA GLN A 6 3.86 9.80 -38.46
C GLN A 6 2.89 10.86 -37.95
N GLU A 7 2.36 11.73 -38.82
CA GLU A 7 1.31 12.74 -38.46
C GLU A 7 1.90 13.83 -37.55
N LYS A 8 3.22 13.86 -37.35
CA LYS A 8 3.92 14.90 -36.53
C LYS A 8 3.11 15.22 -35.25
N ASN A 9 3.03 14.30 -34.30
CA ASN A 9 2.40 14.61 -32.99
C ASN A 9 3.46 15.14 -32.02
N TRP A 10 3.09 16.09 -31.15
CA TRP A 10 3.99 16.68 -30.14
C TRP A 10 3.83 15.93 -28.83
N SER A 11 2.82 15.06 -28.76
CA SER A 11 2.48 14.32 -27.53
C SER A 11 3.66 13.43 -27.16
N ALA A 12 4.36 12.92 -28.17
CA ALA A 12 5.48 11.98 -27.96
C ALA A 12 6.46 12.54 -26.93
N LEU A 13 6.82 13.81 -26.99
CA LEU A 13 7.83 14.34 -26.05
C LEU A 13 7.32 14.12 -24.63
N LEU A 14 6.09 14.54 -24.35
CA LEU A 14 5.52 14.43 -22.98
C LEU A 14 5.43 12.96 -22.61
N THR A 15 4.96 12.12 -23.51
CA THR A 15 4.73 10.69 -23.19
C THR A 15 6.09 10.04 -22.86
N ALA A 16 7.14 10.40 -23.57
CA ALA A 16 8.49 9.80 -23.35
C ALA A 16 8.98 10.16 -21.95
N VAL A 17 8.71 11.37 -21.48
CA VAL A 17 9.12 11.81 -20.12
C VAL A 17 8.45 10.86 -19.13
N VAL A 18 7.14 10.61 -19.31
CA VAL A 18 6.38 9.73 -18.39
C VAL A 18 7.01 8.34 -18.42
N ILE A 19 7.37 7.85 -19.60
CA ILE A 19 7.98 6.50 -19.75
C ILE A 19 9.30 6.45 -18.97
N ILE A 20 10.14 7.45 -19.10
CA ILE A 20 11.49 7.38 -18.48
C ILE A 20 11.35 7.48 -16.95
N LEU A 21 10.54 8.40 -16.45
CA LEU A 21 10.38 8.54 -14.99
C LEU A 21 9.84 7.23 -14.43
N THR A 22 8.88 6.63 -15.12
CA THR A 22 8.26 5.35 -14.76
C THR A 22 9.33 4.28 -14.64
N ILE A 23 10.17 4.18 -15.65
CA ILE A 23 11.16 3.08 -15.73
C ILE A 23 12.24 3.34 -14.67
N ALA A 24 12.77 4.55 -14.61
CA ALA A 24 13.94 4.89 -13.76
C ALA A 24 13.55 4.86 -12.29
N GLY A 25 12.46 5.55 -11.92
CA GLY A 25 11.92 5.55 -10.55
C GLY A 25 11.61 4.15 -10.03
N ASN A 26 10.98 3.30 -10.84
CA ASN A 26 10.52 2.00 -10.31
C ASN A 26 11.70 1.03 -10.25
N ILE A 27 12.71 1.24 -11.06
CA ILE A 27 13.98 0.48 -10.93
C ILE A 27 14.63 0.86 -9.60
N LEU A 28 14.57 2.14 -9.21
CA LEU A 28 15.17 2.61 -7.95
C LEU A 28 14.43 1.97 -6.78
N VAL A 29 13.12 1.74 -6.88
CA VAL A 29 12.37 1.05 -5.78
C VAL A 29 12.83 -0.39 -5.67
N ILE A 30 12.96 -1.08 -6.80
CA ILE A 30 13.31 -2.53 -6.85
C ILE A 30 14.73 -2.66 -6.32
N MET A 31 15.58 -1.68 -6.63
CA MET A 31 16.98 -1.67 -6.12
C MET A 31 16.97 -1.37 -4.61
N ALA A 32 16.15 -0.44 -4.14
CA ALA A 32 16.11 -0.10 -2.70
C ALA A 32 15.66 -1.33 -1.89
N VAL A 33 14.66 -2.07 -2.35
CA VAL A 33 14.05 -3.18 -1.54
C VAL A 33 14.97 -4.41 -1.64
N SER A 34 15.66 -4.61 -2.77
CA SER A 34 16.59 -5.76 -2.94
C SER A 34 17.85 -5.59 -2.09
N LEU A 35 18.27 -4.36 -1.84
CA LEU A 35 19.63 -4.07 -1.30
C LEU A 35 19.53 -3.57 0.14
N GLU A 36 18.64 -2.63 0.43
CA GLU A 36 18.70 -1.93 1.73
C GLU A 36 17.97 -2.81 2.76
N LYS A 37 18.68 -3.26 3.79
CA LYS A 37 18.21 -4.23 4.81
C LYS A 37 17.13 -3.61 5.70
N LYS A 38 17.00 -2.28 5.76
CA LYS A 38 15.99 -1.64 6.62
C LYS A 38 14.62 -1.69 5.93
N LEU A 39 14.56 -2.03 4.63
CA LEU A 39 13.29 -2.13 3.85
C LEU A 39 12.95 -3.60 3.56
N GLN A 40 13.31 -4.55 4.41
CA GLN A 40 13.05 -5.99 4.12
C GLN A 40 11.77 -6.46 4.79
N ASN A 41 10.72 -5.64 4.88
CA ASN A 41 9.48 -6.11 5.53
C ASN A 41 8.46 -6.46 4.43
N ALA A 42 7.35 -7.03 4.85
CA ALA A 42 6.30 -7.61 3.97
C ALA A 42 5.67 -6.50 3.13
N THR A 43 5.44 -5.32 3.69
CA THR A 43 4.83 -4.18 2.97
C THR A 43 5.76 -3.80 1.83
N ASN A 44 7.07 -3.72 2.11
CA ASN A 44 8.05 -3.25 1.11
C ASN A 44 8.27 -4.30 0.06
N TYR A 45 8.08 -5.58 0.36
CA TYR A 45 8.09 -6.64 -0.68
C TYR A 45 6.90 -6.48 -1.63
N PHE A 46 5.73 -6.11 -1.13
CA PHE A 46 4.56 -5.79 -1.98
C PHE A 46 4.87 -4.55 -2.84
N LEU A 47 5.57 -3.54 -2.28
CA LEU A 47 5.90 -2.30 -3.02
C LEU A 47 6.95 -2.58 -4.09
N MET A 48 7.78 -3.61 -3.93
CA MET A 48 8.75 -4.01 -4.99
C MET A 48 7.99 -4.68 -6.16
N SER A 49 7.05 -5.56 -5.84
CA SER A 49 6.25 -6.30 -6.82
C SER A 49 5.37 -5.31 -7.60
N LEU A 50 4.79 -4.34 -6.89
CA LEU A 50 4.00 -3.22 -7.47
C LEU A 50 4.89 -2.42 -8.42
N ALA A 51 6.17 -2.21 -8.08
CA ALA A 51 7.14 -1.47 -8.93
C ALA A 51 7.46 -2.26 -10.20
N ILE A 52 7.47 -3.59 -10.14
CA ILE A 52 7.73 -4.47 -11.32
C ILE A 52 6.57 -4.29 -12.30
N ALA A 53 5.34 -4.41 -11.81
CA ALA A 53 4.08 -4.05 -12.53
C ALA A 53 4.23 -2.67 -13.18
N ASP A 54 4.63 -1.66 -12.42
CA ASP A 54 4.83 -0.29 -12.95
C ASP A 54 5.98 -0.25 -13.96
N MET A 55 7.07 -0.96 -13.70
CA MET A 55 8.22 -0.98 -14.64
C MET A 55 7.78 -1.65 -15.96
N LEU A 56 7.08 -2.78 -15.88
CA LEU A 56 6.66 -3.56 -17.08
C LEU A 56 5.65 -2.73 -17.86
N LEU A 57 4.80 -1.98 -17.19
CA LEU A 57 3.85 -1.09 -17.89
C LEU A 57 4.63 0.02 -18.61
N GLY A 58 5.71 0.55 -18.02
CA GLY A 58 6.56 1.56 -18.68
C GLY A 58 7.33 0.98 -19.87
N PHE A 59 7.69 -0.30 -19.82
CA PHE A 59 8.54 -0.94 -20.85
C PHE A 59 7.67 -1.45 -21.99
N LEU A 60 6.59 -2.15 -21.70
CA LEU A 60 5.86 -2.95 -22.72
C LEU A 60 4.65 -2.16 -23.22
N VAL A 61 3.88 -1.58 -22.32
CA VAL A 61 2.55 -1.00 -22.66
C VAL A 61 2.74 0.44 -23.12
N MET A 62 3.36 1.28 -22.31
CA MET A 62 3.43 2.73 -22.56
C MET A 62 4.12 3.09 -23.88
N PRO A 63 5.23 2.47 -24.36
CA PRO A 63 5.78 2.85 -25.67
C PRO A 63 4.85 2.60 -26.86
N VAL A 64 4.10 1.51 -26.79
CA VAL A 64 3.11 1.13 -27.82
C VAL A 64 1.94 2.14 -27.77
N SER A 65 1.58 2.63 -26.58
CA SER A 65 0.48 3.62 -26.48
C SER A 65 0.95 4.96 -27.05
N MET A 66 2.24 5.29 -26.90
CA MET A 66 2.86 6.47 -27.54
C MET A 66 2.90 6.26 -29.06
N LEU A 67 3.20 5.03 -29.49
CA LEU A 67 3.34 4.65 -30.92
C LEU A 67 2.01 4.89 -31.62
N THR A 68 0.90 4.56 -30.98
CA THR A 68 -0.44 4.73 -31.58
C THR A 68 -0.82 6.20 -31.58
N ILE A 69 -0.28 7.03 -30.69
CA ILE A 69 -0.53 8.51 -30.78
C ILE A 69 0.12 9.02 -32.08
N LEU A 70 1.29 8.48 -32.39
CA LEU A 70 2.08 8.86 -33.58
C LEU A 70 1.49 8.31 -34.87
N TYR A 71 0.45 7.46 -34.85
CA TYR A 71 -0.22 7.03 -36.11
C TYR A 71 -1.71 7.35 -36.04
N GLY A 72 -2.10 8.43 -35.36
CA GLY A 72 -3.50 8.92 -35.36
C GLY A 72 -4.48 7.95 -34.70
N TYR A 73 -3.97 7.00 -33.90
CA TYR A 73 -4.66 5.85 -33.26
C TYR A 73 -5.06 4.79 -34.29
N ARG A 74 -4.59 4.92 -35.53
CA ARG A 74 -4.60 3.76 -36.45
C ARG A 74 -3.52 2.83 -35.88
N TRP A 75 -3.89 1.60 -35.53
CA TRP A 75 -3.02 0.56 -34.95
C TRP A 75 -1.87 0.19 -35.89
N PRO A 76 -0.61 0.59 -35.62
CA PRO A 76 0.47 0.38 -36.58
C PRO A 76 0.99 -1.06 -36.66
N LEU A 77 0.90 -1.82 -35.57
CA LEU A 77 1.53 -3.18 -35.44
C LEU A 77 0.68 -4.21 -36.19
N PRO A 78 1.13 -5.47 -36.35
CA PRO A 78 0.22 -6.58 -36.70
C PRO A 78 -1.01 -6.74 -35.82
N SER A 79 -2.11 -7.17 -36.41
CA SER A 79 -3.46 -7.03 -35.82
C SER A 79 -3.59 -7.91 -34.57
N LYS A 80 -2.94 -9.07 -34.53
CA LYS A 80 -3.05 -10.01 -33.39
C LYS A 80 -2.19 -9.54 -32.21
N LEU A 81 -1.41 -8.47 -32.36
CA LEU A 81 -0.66 -7.88 -31.21
C LEU A 81 -1.57 -6.94 -30.44
N CYS A 82 -2.74 -6.63 -30.94
CA CYS A 82 -3.64 -5.66 -30.27
C CYS A 82 -4.18 -6.26 -28.98
N ALA A 83 -4.71 -7.48 -29.03
CA ALA A 83 -5.30 -8.16 -27.85
C ALA A 83 -4.21 -8.49 -26.83
N VAL A 84 -3.01 -8.78 -27.29
CA VAL A 84 -1.85 -9.02 -26.39
C VAL A 84 -1.48 -7.71 -25.70
N TRP A 85 -1.47 -6.59 -26.41
CA TRP A 85 -1.12 -5.27 -25.80
C TRP A 85 -2.18 -4.90 -24.74
N ILE A 86 -3.46 -5.05 -25.07
CA ILE A 86 -4.57 -4.73 -24.12
C ILE A 86 -4.48 -5.66 -22.91
N TYR A 87 -4.25 -6.95 -23.12
CA TYR A 87 -4.10 -7.94 -22.03
C TYR A 87 -3.04 -7.42 -21.05
N LEU A 88 -1.86 -7.08 -21.56
CA LEU A 88 -0.74 -6.66 -20.68
C LEU A 88 -1.15 -5.41 -19.91
N ASP A 89 -1.77 -4.45 -20.60
CA ASP A 89 -2.15 -3.17 -19.96
C ASP A 89 -3.15 -3.44 -18.83
N VAL A 90 -4.14 -4.29 -19.07
CA VAL A 90 -5.15 -4.63 -18.03
C VAL A 90 -4.46 -5.45 -16.92
N LEU A 91 -3.60 -6.38 -17.29
CA LEU A 91 -2.91 -7.24 -16.29
C LEU A 91 -2.12 -6.36 -15.32
N PHE A 92 -1.29 -5.44 -15.83
CA PHE A 92 -0.34 -4.70 -14.98
C PHE A 92 -1.14 -3.77 -14.08
N SER A 93 -2.23 -3.24 -14.60
CA SER A 93 -3.11 -2.33 -13.84
C SER A 93 -3.93 -3.11 -12.81
N THR A 94 -4.47 -4.27 -13.20
CA THR A 94 -5.24 -5.14 -12.28
C THR A 94 -4.30 -5.59 -11.15
N ALA A 95 -3.05 -5.89 -11.48
CA ALA A 95 -2.06 -6.36 -10.49
C ALA A 95 -1.71 -5.18 -9.57
N LYS A 96 -1.66 -3.94 -10.08
CA LYS A 96 -1.45 -2.75 -9.22
C LYS A 96 -2.62 -2.66 -8.23
N ILE A 97 -3.87 -2.75 -8.69
CA ILE A 97 -5.01 -2.55 -7.74
C ILE A 97 -5.14 -3.73 -6.77
N TRP A 98 -4.86 -5.00 -7.14
CA TRP A 98 -4.94 -6.11 -6.15
C TRP A 98 -3.78 -6.08 -5.16
N HIS A 99 -2.64 -5.51 -5.53
CA HIS A 99 -1.48 -5.33 -4.62
C HIS A 99 -1.86 -4.32 -3.54
N LEU A 100 -2.43 -3.19 -3.94
CA LEU A 100 -2.72 -2.14 -2.96
C LEU A 100 -3.80 -2.66 -2.01
N CYS A 101 -4.71 -3.50 -2.51
CA CYS A 101 -5.74 -4.17 -1.67
C CYS A 101 -5.04 -5.12 -0.69
N ALA A 102 -4.03 -5.86 -1.17
CA ALA A 102 -3.32 -6.90 -0.39
C ALA A 102 -2.56 -6.24 0.77
N ILE A 103 -1.84 -5.13 0.52
CA ILE A 103 -1.11 -4.34 1.56
C ILE A 103 -2.11 -3.90 2.63
N SER A 104 -3.21 -3.31 2.19
CA SER A 104 -4.25 -2.75 3.08
C SER A 104 -4.81 -3.88 3.94
N LEU A 105 -5.10 -5.02 3.33
CA LEU A 105 -5.70 -6.17 4.05
C LEU A 105 -4.65 -6.76 5.00
N ASP A 106 -3.38 -6.85 4.57
CA ASP A 106 -2.35 -7.61 5.34
C ASP A 106 -1.90 -6.77 6.54
N ARG A 107 -1.85 -5.45 6.41
CA ARG A 107 -1.50 -4.57 7.53
C ARG A 107 -2.61 -4.62 8.57
N TYR A 108 -3.88 -4.73 8.17
CA TYR A 108 -5.02 -4.79 9.10
C TYR A 108 -4.94 -6.08 9.94
N VAL A 109 -4.78 -7.24 9.30
CA VAL A 109 -4.71 -8.58 9.96
C VAL A 109 -3.50 -8.64 10.89
N ALA A 110 -2.40 -7.97 10.53
CA ALA A 110 -1.13 -7.99 11.29
C ALA A 110 -1.29 -7.23 12.60
N ILE A 111 -2.26 -6.34 12.72
CA ILE A 111 -2.54 -5.68 14.02
C ILE A 111 -3.23 -6.69 14.95
N GLN A 112 -4.27 -7.36 14.45
CA GLN A 112 -5.12 -8.27 15.26
C GLN A 112 -4.36 -9.56 15.58
N ASN A 113 -3.52 -10.05 14.67
CA ASN A 113 -2.69 -11.23 14.99
C ASN A 113 -1.25 -10.78 15.17
N PRO A 114 -0.76 -10.55 16.41
CA PRO A 114 0.64 -10.22 16.64
C PRO A 114 1.43 -11.40 17.22
N SER A 122 7.12 -13.33 7.68
CA SER A 122 8.07 -14.14 6.88
C SER A 122 8.15 -13.62 5.45
N ARG A 123 9.35 -13.65 4.88
CA ARG A 123 9.56 -13.32 3.46
C ARG A 123 8.76 -14.29 2.58
N THR A 124 8.77 -15.57 2.92
CA THR A 124 8.11 -16.63 2.13
C THR A 124 6.61 -16.37 2.12
N LYS A 125 6.04 -16.00 3.25
CA LYS A 125 4.57 -15.76 3.34
C LYS A 125 4.20 -14.60 2.42
N ALA A 126 5.03 -13.56 2.39
CA ALA A 126 4.79 -12.40 1.51
C ALA A 126 4.84 -12.86 0.07
N PHE A 127 5.83 -13.67 -0.28
CA PHE A 127 6.05 -14.10 -1.69
C PHE A 127 4.84 -14.94 -2.12
N LEU A 128 4.32 -15.77 -1.22
CA LEU A 128 3.13 -16.59 -1.54
C LEU A 128 1.95 -15.69 -1.86
N LYS A 129 1.78 -14.61 -1.09
CA LYS A 129 0.65 -13.67 -1.31
C LYS A 129 0.88 -12.88 -2.59
N ILE A 130 2.12 -12.47 -2.85
CA ILE A 130 2.46 -11.72 -4.08
C ILE A 130 2.11 -12.58 -5.30
N ILE A 131 2.52 -13.83 -5.29
CA ILE A 131 2.27 -14.80 -6.40
C ILE A 131 0.77 -15.09 -6.50
N ALA A 132 0.07 -15.12 -5.36
CA ALA A 132 -1.41 -15.25 -5.34
C ALA A 132 -2.01 -14.06 -6.09
N VAL A 133 -1.46 -12.86 -5.89
CA VAL A 133 -2.04 -11.60 -6.46
C VAL A 133 -1.80 -11.62 -7.98
N TRP A 134 -0.60 -11.98 -8.40
CA TRP A 134 -0.28 -12.10 -9.85
C TRP A 134 -1.15 -13.17 -10.53
N THR A 135 -1.34 -14.33 -9.91
CA THR A 135 -2.11 -15.45 -10.51
C THR A 135 -3.59 -15.06 -10.61
N ILE A 136 -4.11 -14.33 -9.63
CA ILE A 136 -5.49 -13.79 -9.74
C ILE A 136 -5.52 -12.77 -10.88
N SER A 137 -4.48 -11.95 -11.04
CA SER A 137 -4.49 -10.90 -12.09
C SER A 137 -4.39 -11.53 -13.47
N VAL A 138 -3.53 -12.53 -13.64
CA VAL A 138 -3.39 -13.25 -14.93
C VAL A 138 -4.70 -13.93 -15.28
N GLY A 139 -5.40 -14.55 -14.31
CA GLY A 139 -6.66 -15.29 -14.56
C GLY A 139 -7.82 -14.38 -14.88
N ILE A 140 -8.01 -13.32 -14.10
CA ILE A 140 -9.06 -12.30 -14.33
C ILE A 140 -8.90 -11.67 -15.72
N SER A 141 -7.68 -11.33 -16.15
CA SER A 141 -7.45 -10.59 -17.42
C SER A 141 -7.50 -11.54 -18.63
N MET A 142 -7.65 -12.84 -18.40
CA MET A 142 -7.50 -13.91 -19.41
C MET A 142 -8.61 -13.93 -20.47
N PRO A 143 -9.91 -13.59 -20.22
CA PRO A 143 -10.85 -13.42 -21.33
C PRO A 143 -10.48 -12.43 -22.43
N ILE A 144 -9.58 -11.48 -22.18
CA ILE A 144 -9.21 -10.46 -23.19
C ILE A 144 -8.52 -11.18 -24.34
N PRO A 145 -7.37 -11.88 -24.21
CA PRO A 145 -6.85 -12.51 -25.41
C PRO A 145 -7.60 -13.78 -25.81
N VAL A 146 -8.22 -14.51 -24.88
CA VAL A 146 -8.97 -15.76 -25.22
C VAL A 146 -10.09 -15.42 -26.23
N PHE A 147 -10.93 -14.43 -25.93
CA PHE A 147 -12.04 -14.01 -26.82
C PHE A 147 -11.60 -12.96 -27.86
N GLY A 148 -10.67 -12.06 -27.53
CA GLY A 148 -10.23 -10.98 -28.42
C GLY A 148 -9.39 -11.45 -29.59
N LEU A 149 -8.63 -12.53 -29.43
CA LEU A 149 -7.80 -13.03 -30.54
C LEU A 149 -8.69 -13.80 -31.53
N GLN A 150 -9.83 -14.32 -31.10
CA GLN A 150 -10.78 -15.02 -32.00
C GLN A 150 -11.77 -14.06 -32.68
N ASP A 151 -11.84 -12.79 -32.26
CA ASP A 151 -12.82 -11.80 -32.79
C ASP A 151 -12.25 -10.38 -32.64
N ASP A 152 -11.73 -9.83 -33.73
CA ASP A 152 -11.14 -8.47 -33.80
C ASP A 152 -12.17 -7.39 -33.48
N SER A 153 -13.47 -7.69 -33.54
CA SER A 153 -14.54 -6.69 -33.22
C SER A 153 -14.51 -6.33 -31.73
N LYS A 154 -13.96 -7.20 -30.87
CA LYS A 154 -13.86 -6.97 -29.40
C LYS A 154 -12.66 -6.08 -29.06
N VAL A 155 -11.63 -6.03 -29.90
CA VAL A 155 -10.38 -5.29 -29.58
C VAL A 155 -10.10 -4.19 -30.63
N PHE A 156 -10.89 -4.07 -31.70
CA PHE A 156 -10.73 -2.99 -32.71
C PHE A 156 -12.04 -2.23 -32.87
N LYS A 157 -11.88 -0.93 -33.04
CA LYS A 157 -12.99 0.02 -33.29
C LYS A 157 -12.45 1.04 -34.28
N GLU A 158 -12.88 0.93 -35.56
CA GLU A 158 -12.52 1.86 -36.66
C GLU A 158 -10.99 1.75 -36.85
N GLY A 159 -10.49 0.53 -36.76
CA GLY A 159 -9.04 0.26 -36.84
C GLY A 159 -8.25 0.90 -35.70
N SER A 160 -8.86 1.19 -34.54
CA SER A 160 -8.14 1.59 -33.29
C SER A 160 -8.13 0.39 -32.34
N CYS A 161 -6.98 0.05 -31.84
CA CYS A 161 -6.87 -1.01 -30.82
C CYS A 161 -7.28 -0.45 -29.45
N LEU A 162 -8.42 -0.87 -28.95
CA LEU A 162 -8.96 -0.49 -27.63
C LEU A 162 -9.98 -1.54 -27.28
N LEU A 163 -10.32 -1.70 -26.01
CA LEU A 163 -11.28 -2.76 -25.61
C LEU A 163 -12.69 -2.37 -26.09
N ALA A 164 -13.11 -2.88 -27.24
CA ALA A 164 -14.36 -2.45 -27.92
C ALA A 164 -15.58 -3.15 -27.32
N ASP A 165 -15.41 -4.29 -26.63
CA ASP A 165 -16.57 -5.02 -26.04
C ASP A 165 -17.08 -4.26 -24.81
N ASP A 166 -18.29 -3.73 -24.86
CA ASP A 166 -18.92 -2.97 -23.74
C ASP A 166 -19.08 -3.87 -22.51
N ASN A 167 -19.41 -5.15 -22.71
CA ASN A 167 -19.72 -6.09 -21.60
C ASN A 167 -18.42 -6.47 -20.90
N PHE A 168 -17.30 -6.59 -21.61
CA PHE A 168 -15.95 -6.77 -21.00
C PHE A 168 -15.63 -5.53 -20.14
N VAL A 169 -15.98 -4.33 -20.62
CA VAL A 169 -15.59 -3.09 -19.92
C VAL A 169 -16.39 -2.95 -18.62
N LEU A 170 -17.70 -3.16 -18.63
CA LEU A 170 -18.55 -3.09 -17.41
C LEU A 170 -18.12 -4.13 -16.40
N ILE A 171 -18.08 -5.40 -16.81
CA ILE A 171 -17.86 -6.51 -15.84
C ILE A 171 -16.38 -6.52 -15.43
N GLY A 172 -15.47 -6.18 -16.34
CA GLY A 172 -14.06 -5.94 -15.97
C GLY A 172 -13.89 -4.81 -14.97
N SER A 173 -14.58 -3.70 -15.15
CA SER A 173 -14.39 -2.54 -14.25
C SER A 173 -14.90 -2.88 -12.85
N PHE A 174 -16.06 -3.51 -12.76
CA PHE A 174 -16.67 -3.90 -11.46
C PHE A 174 -15.83 -4.98 -10.78
N VAL A 175 -15.52 -6.06 -11.48
CA VAL A 175 -14.90 -7.24 -10.82
C VAL A 175 -13.44 -6.89 -10.51
N SER A 176 -12.71 -6.38 -11.48
CA SER A 176 -11.25 -6.23 -11.29
C SER A 176 -10.87 -4.84 -10.76
N PHE A 177 -11.74 -3.83 -10.79
CA PHE A 177 -11.29 -2.52 -10.27
C PHE A 177 -12.17 -2.01 -9.11
N PHE A 178 -13.44 -2.39 -9.01
CA PHE A 178 -14.33 -1.83 -7.96
C PHE A 178 -14.21 -2.64 -6.68
N ILE A 179 -14.30 -3.97 -6.75
CA ILE A 179 -14.28 -4.77 -5.50
C ILE A 179 -12.90 -4.74 -4.83
N PRO A 180 -11.69 -4.70 -5.48
CA PRO A 180 -10.49 -4.50 -4.66
C PRO A 180 -10.38 -3.06 -4.16
N LEU A 181 -10.99 -2.08 -4.82
CA LEU A 181 -11.04 -0.68 -4.33
C LEU A 181 -11.87 -0.66 -3.06
N THR A 182 -12.97 -1.41 -3.05
CA THR A 182 -13.92 -1.45 -1.92
C THR A 182 -13.21 -2.02 -0.70
N ILE A 183 -12.51 -3.14 -0.86
CA ILE A 183 -11.82 -3.85 0.24
C ILE A 183 -10.65 -2.97 0.74
N MET A 184 -10.01 -2.28 -0.19
CA MET A 184 -8.86 -1.40 0.12
C MET A 184 -9.38 -0.27 1.01
N VAL A 185 -10.49 0.35 0.68
CA VAL A 185 -10.95 1.56 1.43
C VAL A 185 -11.49 1.12 2.80
N ILE A 186 -12.06 -0.07 2.94
CA ILE A 186 -12.67 -0.49 4.23
C ILE A 186 -11.54 -0.85 5.18
N THR A 187 -10.61 -1.69 4.73
CA THR A 187 -9.52 -2.19 5.60
C THR A 187 -8.59 -1.02 5.93
N TYR A 188 -8.42 -0.06 5.04
CA TYR A 188 -7.61 1.16 5.37
C TYR A 188 -8.29 1.94 6.50
N PHE A 189 -9.61 2.14 6.45
CA PHE A 189 -10.36 2.91 7.47
C PHE A 189 -10.29 2.14 8.79
N LEU A 190 -10.45 0.81 8.76
CA LEU A 190 -10.47 -0.02 9.98
C LEU A 190 -9.06 -0.07 10.60
N THR A 191 -8.03 0.07 9.77
CA THR A 191 -6.62 0.09 10.23
C THR A 191 -6.41 1.38 11.01
N ILE A 192 -6.89 2.51 10.48
CA ILE A 192 -6.74 3.82 11.17
C ILE A 192 -7.48 3.76 12.51
N LYS A 193 -8.69 3.21 12.56
CA LYS A 193 -9.44 2.99 13.84
C LYS A 193 -8.67 2.06 14.79
N SER A 194 -8.06 0.98 14.29
CA SER A 194 -7.30 0.01 15.09
C SER A 194 -6.13 0.73 15.79
N LEU A 195 -5.39 1.56 15.07
CA LEU A 195 -4.17 2.18 15.65
C LEU A 195 -4.56 3.30 16.61
N GLN A 196 -5.70 3.96 16.39
CA GLN A 196 -6.22 4.97 17.33
C GLN A 196 -6.65 4.27 18.63
N LYS A 197 -7.28 3.11 18.53
CA LYS A 197 -7.67 2.33 19.72
C LYS A 197 -6.40 1.87 20.45
N GLU A 198 -5.35 1.49 19.72
CA GLU A 198 -4.10 0.96 20.33
C GLU A 198 -3.37 2.09 21.05
N ALA A 199 -3.35 3.29 20.49
CA ALA A 199 -2.71 4.45 21.14
C ALA A 199 -3.57 4.90 22.34
N ALA A 200 -4.88 4.71 22.28
CA ALA A 200 -5.82 5.06 23.38
C ALA A 200 -5.61 4.08 24.53
N ASP A 201 -5.57 2.79 24.23
CA ASP A 201 -5.43 1.72 25.25
C ASP A 201 -4.09 1.93 25.98
N LEU A 202 -3.04 2.42 25.32
CA LEU A 202 -1.69 2.61 25.93
C LEU A 202 -1.63 3.92 26.72
N GLU A 203 -2.36 4.97 26.33
CA GLU A 203 -2.52 6.17 27.20
C GLU A 203 -3.20 5.73 28.52
N ASP A 204 -4.26 4.92 28.43
CA ASP A 204 -5.05 4.41 29.59
C ASP A 204 -4.20 3.52 30.50
N ASN A 205 -3.40 2.65 29.95
CA ASN A 205 -2.53 1.76 30.75
C ASN A 205 -1.43 2.60 31.40
N TRP A 206 -0.88 3.59 30.70
CA TRP A 206 0.12 4.54 31.25
C TRP A 206 -0.45 5.29 32.45
N GLU A 207 -1.71 5.74 32.35
CA GLU A 207 -2.39 6.49 33.45
C GLU A 207 -2.54 5.55 34.65
N THR A 208 -2.86 4.26 34.44
CA THR A 208 -3.08 3.30 35.56
C THR A 208 -1.74 3.02 36.25
N LEU A 209 -0.68 2.84 35.46
CA LEU A 209 0.67 2.61 36.04
C LEU A 209 1.10 3.88 36.80
N ASN A 210 0.99 5.06 36.19
CA ASN A 210 1.49 6.31 36.81
C ASN A 210 0.70 6.69 38.07
N ASP A 211 -0.62 6.49 38.09
CA ASP A 211 -1.46 6.76 39.28
C ASP A 211 -1.04 5.83 40.43
N ASN A 212 -0.85 4.54 40.14
CA ASN A 212 -0.57 3.52 41.19
C ASN A 212 0.88 3.64 41.70
N LEU A 213 1.80 4.23 40.94
CA LEU A 213 3.16 4.54 41.44
C LEU A 213 3.03 5.65 42.48
N LYS A 214 2.17 6.64 42.25
CA LYS A 214 2.03 7.78 43.20
C LYS A 214 1.31 7.33 44.47
N VAL A 215 0.47 6.30 44.38
CA VAL A 215 -0.25 5.74 45.57
C VAL A 215 0.78 5.01 46.43
N ILE A 216 1.61 4.20 45.79
CA ILE A 216 2.63 3.37 46.47
C ILE A 216 3.65 4.27 47.18
N GLU A 217 4.08 5.38 46.57
CA GLU A 217 5.09 6.27 47.22
C GLU A 217 4.49 7.06 48.40
N LYS A 218 3.18 7.31 48.44
CA LYS A 218 2.52 8.03 49.57
C LYS A 218 2.21 7.04 50.71
N ALA A 219 2.19 5.74 50.44
CA ALA A 219 1.50 4.72 51.27
C ALA A 219 2.08 4.59 52.69
N ASP A 220 1.21 4.31 53.66
CA ASP A 220 1.52 4.05 55.09
C ASP A 220 1.63 2.53 55.36
N ASN A 221 0.79 1.73 54.69
CA ASN A 221 0.48 0.33 55.10
C ASN A 221 0.62 -0.64 53.92
N ALA A 222 0.71 -1.92 54.25
CA ALA A 222 0.86 -3.04 53.30
C ALA A 222 -0.40 -3.23 52.44
N ALA A 223 -1.58 -2.75 52.89
CA ALA A 223 -2.85 -2.95 52.14
C ALA A 223 -2.83 -2.07 50.89
N GLN A 224 -2.36 -0.82 51.03
CA GLN A 224 -2.36 0.19 49.95
C GLN A 224 -1.37 -0.24 48.86
N VAL A 225 -0.24 -0.81 49.24
CA VAL A 225 0.81 -1.20 48.26
C VAL A 225 0.32 -2.45 47.52
N LYS A 226 -0.31 -3.39 48.22
CA LYS A 226 -0.80 -4.67 47.63
C LYS A 226 -1.98 -4.37 46.67
N ASP A 227 -2.82 -3.41 47.03
CA ASP A 227 -3.95 -2.97 46.19
C ASP A 227 -3.39 -2.35 44.90
N ALA A 228 -2.41 -1.45 45.03
CA ALA A 228 -1.90 -0.68 43.87
C ALA A 228 -1.03 -1.58 42.98
N LEU A 229 -0.32 -2.56 43.55
CA LEU A 229 0.58 -3.40 42.72
C LEU A 229 -0.27 -4.41 41.96
N THR A 230 -1.40 -4.83 42.53
CA THR A 230 -2.33 -5.80 41.88
C THR A 230 -2.93 -5.11 40.64
N LYS A 231 -3.31 -3.85 40.79
CA LYS A 231 -3.89 -3.05 39.68
C LYS A 231 -2.82 -2.68 38.66
N MET A 232 -1.56 -2.54 39.05
CA MET A 232 -0.44 -2.33 38.10
C MET A 232 -0.23 -3.60 37.28
N ARG A 233 -0.43 -4.77 37.92
CA ARG A 233 -0.23 -6.07 37.25
C ARG A 233 -1.29 -6.26 36.16
N ALA A 234 -2.56 -5.93 36.45
CA ALA A 234 -3.68 -6.03 35.50
C ALA A 234 -3.38 -5.12 34.30
N ALA A 235 -2.91 -3.90 34.55
CA ALA A 235 -2.56 -2.93 33.50
C ALA A 235 -1.29 -3.38 32.77
N ALA A 236 -0.38 -4.13 33.40
CA ALA A 236 0.82 -4.66 32.72
C ALA A 236 0.42 -5.75 31.72
N LEU A 237 -0.66 -6.49 32.02
CA LEU A 237 -1.24 -7.63 31.25
C LEU A 237 -1.98 -7.14 29.99
N ASP A 238 -2.12 -5.85 29.74
CA ASP A 238 -2.69 -5.35 28.46
C ASP A 238 -1.56 -5.03 27.49
N ALA A 239 -0.53 -4.35 27.95
CA ALA A 239 0.68 -4.06 27.15
C ALA A 239 1.67 -5.24 27.25
N ASP A 245 5.79 -9.03 29.91
CA ASP A 245 6.17 -10.25 30.68
C ASP A 245 7.24 -9.90 31.72
N ILE A 246 8.23 -9.10 31.32
CA ILE A 246 9.36 -8.68 32.21
C ILE A 246 8.79 -7.95 33.43
N LEU A 247 7.90 -6.98 33.20
CA LEU A 247 7.32 -6.17 34.29
C LEU A 247 6.42 -7.04 35.16
N VAL A 248 5.67 -7.96 34.57
CA VAL A 248 4.66 -8.76 35.34
C VAL A 248 5.35 -9.49 36.49
N GLY A 249 6.46 -10.17 36.20
CA GLY A 249 7.25 -10.82 37.25
C GLY A 249 7.83 -9.80 38.21
N GLN A 250 8.32 -8.68 37.68
CA GLN A 250 8.98 -7.64 38.52
C GLN A 250 7.91 -7.07 39.45
N ILE A 251 6.66 -6.99 38.97
CA ILE A 251 5.50 -6.54 39.81
C ILE A 251 5.26 -7.61 40.89
N ASP A 252 5.17 -8.88 40.48
CA ASP A 252 4.84 -10.00 41.40
C ASP A 252 5.87 -10.07 42.52
N ASP A 253 7.14 -9.77 42.22
CA ASP A 253 8.21 -9.87 43.23
C ASP A 253 7.89 -8.86 44.33
N ALA A 254 7.54 -7.63 43.94
CA ALA A 254 7.22 -6.55 44.89
C ALA A 254 5.94 -6.91 45.65
N LEU A 255 5.00 -7.55 44.95
CA LEU A 255 3.72 -7.96 45.57
C LEU A 255 4.02 -8.93 46.71
N LYS A 256 4.99 -9.84 46.50
CA LYS A 256 5.35 -10.86 47.52
C LYS A 256 5.93 -10.15 48.75
N LEU A 257 6.78 -9.14 48.55
CA LEU A 257 7.34 -8.37 49.69
C LEU A 257 6.19 -7.70 50.44
N ALA A 258 5.25 -7.08 49.72
CA ALA A 258 4.09 -6.40 50.33
C ALA A 258 3.24 -7.44 51.09
N ASN A 259 3.11 -8.64 50.53
CA ASN A 259 2.31 -9.71 51.15
C ASN A 259 2.91 -10.07 52.51
N GLU A 260 4.23 -10.04 52.65
CA GLU A 260 4.87 -10.44 53.92
C GLU A 260 5.03 -9.20 54.81
N GLY A 261 4.46 -8.06 54.41
CA GLY A 261 4.42 -6.85 55.26
C GLY A 261 5.67 -5.98 55.12
N LYS A 262 6.51 -6.24 54.13
CA LYS A 262 7.71 -5.41 53.87
C LYS A 262 7.28 -4.20 53.05
N VAL A 263 6.60 -3.24 53.66
CA VAL A 263 5.99 -2.09 52.94
C VAL A 263 7.10 -1.24 52.28
N LYS A 264 8.10 -0.86 53.05
CA LYS A 264 9.13 0.08 52.55
C LYS A 264 9.90 -0.62 51.42
N GLU A 265 10.17 -1.91 51.58
CA GLU A 265 10.98 -2.67 50.58
C GLU A 265 10.16 -2.76 49.29
N ALA A 266 8.86 -2.98 49.41
CA ALA A 266 7.96 -3.05 48.24
C ALA A 266 7.94 -1.67 47.56
N GLN A 267 8.00 -0.59 48.33
CA GLN A 267 7.98 0.78 47.76
C GLN A 267 9.28 0.98 46.99
N ALA A 268 10.37 0.43 47.48
CA ALA A 268 11.68 0.55 46.80
C ALA A 268 11.59 -0.18 45.45
N ALA A 269 10.95 -1.34 45.45
CA ALA A 269 10.82 -2.15 44.22
C ALA A 269 9.91 -1.43 43.22
N ALA A 270 8.92 -0.66 43.68
CA ALA A 270 8.02 0.09 42.79
C ALA A 270 8.81 1.14 42.01
N GLU A 271 9.74 1.85 42.65
CA GLU A 271 10.58 2.82 41.91
C GLU A 271 11.47 2.06 40.93
N GLN A 272 11.87 0.83 41.28
CA GLN A 272 12.63 -0.03 40.34
C GLN A 272 11.73 -0.36 39.14
N LEU A 273 10.43 -0.55 39.35
CA LEU A 273 9.49 -0.76 38.23
C LEU A 273 9.48 0.49 37.35
N LYS A 274 9.51 1.68 37.95
CA LYS A 274 9.35 2.96 37.20
C LYS A 274 10.32 2.98 36.02
N THR A 275 11.58 2.66 36.25
CA THR A 275 12.60 2.75 35.17
C THR A 275 12.20 1.79 34.03
N THR A 276 11.67 0.62 34.35
CA THR A 276 11.29 -0.41 33.34
C THR A 276 10.00 0.04 32.64
N ILE A 277 9.15 0.83 33.30
CA ILE A 277 7.87 1.30 32.70
C ILE A 277 8.16 2.36 31.64
N ASN A 278 8.99 3.36 31.96
CA ASN A 278 9.38 4.43 31.01
C ASN A 278 9.98 3.81 29.74
N ALA A 279 10.71 2.71 29.90
CA ALA A 279 11.39 1.98 28.80
C ALA A 279 10.34 1.32 27.91
N TYR A 280 9.48 0.46 28.47
CA TYR A 280 8.54 -0.41 27.70
C TYR A 280 7.40 0.42 27.08
N ILE A 281 6.99 1.52 27.73
CA ILE A 281 5.84 2.35 27.26
C ILE A 281 6.30 3.10 26.00
N GLN A 282 7.47 3.71 26.05
CA GLN A 282 7.94 4.60 24.95
C GLN A 282 8.33 3.73 23.75
N LYS A 283 8.75 2.49 23.97
CA LYS A 283 9.10 1.52 22.89
C LYS A 283 7.82 1.13 22.13
N TYR A 284 6.79 0.68 22.87
CA TYR A 284 5.45 0.36 22.30
C TYR A 284 4.85 1.67 21.73
N GLY A 285 5.13 2.81 22.36
CA GLY A 285 4.58 4.11 21.93
C GLY A 285 5.23 4.62 20.67
N GLN A 286 6.51 4.31 20.46
CA GLN A 286 7.19 4.75 19.23
C GLN A 286 6.82 3.74 18.12
N SER A 287 6.46 2.50 18.44
CA SER A 287 6.11 1.52 17.39
C SER A 287 4.72 1.82 16.81
N ILE A 288 3.82 2.39 17.60
CA ILE A 288 2.48 2.82 17.13
C ILE A 288 2.65 4.04 16.21
N SER A 289 3.47 5.00 16.60
CA SER A 289 3.71 6.25 15.81
C SER A 289 4.35 5.94 14.45
N ASN A 290 5.19 4.90 14.38
CA ASN A 290 5.77 4.38 13.11
C ASN A 290 4.66 3.84 12.20
N GLU A 291 3.82 2.97 12.74
CA GLU A 291 2.72 2.30 11.99
C GLU A 291 1.77 3.36 11.43
N GLN A 292 1.36 4.34 12.23
CA GLN A 292 0.44 5.42 11.79
C GLN A 292 1.11 6.29 10.72
N LYS A 293 2.40 6.57 10.85
CA LYS A 293 3.15 7.35 9.81
C LYS A 293 3.15 6.53 8.51
N ALA A 294 3.40 5.21 8.60
CA ALA A 294 3.46 4.29 7.45
C ALA A 294 2.09 4.18 6.79
N CYS A 295 1.04 4.09 7.59
CA CYS A 295 -0.35 3.98 7.10
C CYS A 295 -0.67 5.23 6.28
N LYS A 296 -0.17 6.38 6.73
CA LYS A 296 -0.45 7.67 6.06
C LYS A 296 0.23 7.72 4.69
N VAL A 297 1.46 7.21 4.59
CA VAL A 297 2.18 7.17 3.29
C VAL A 297 1.40 6.25 2.34
N LEU A 298 1.03 5.05 2.79
CA LEU A 298 0.29 4.08 1.94
C LEU A 298 -1.04 4.69 1.53
N GLY A 299 -1.66 5.45 2.42
CA GLY A 299 -2.90 6.16 2.10
C GLY A 299 -2.70 7.18 1.00
N ILE A 300 -1.54 7.83 0.89
CA ILE A 300 -1.26 8.78 -0.23
C ILE A 300 -1.09 7.95 -1.53
N VAL A 301 -0.41 6.80 -1.46
CA VAL A 301 -0.27 5.86 -2.61
C VAL A 301 -1.66 5.46 -3.09
N PHE A 302 -2.50 5.04 -2.16
CA PHE A 302 -3.88 4.57 -2.41
C PHE A 302 -4.69 5.73 -3.02
N PHE A 303 -4.63 6.91 -2.41
CA PHE A 303 -5.39 8.12 -2.83
C PHE A 303 -5.02 8.52 -4.26
N LEU A 304 -3.73 8.53 -4.58
CA LEU A 304 -3.28 8.99 -5.89
C LEU A 304 -3.73 8.00 -6.95
N PHE A 305 -3.83 6.70 -6.65
CA PHE A 305 -4.14 5.66 -7.68
C PHE A 305 -5.61 5.85 -8.05
N VAL A 306 -6.47 6.05 -7.06
CA VAL A 306 -7.93 6.15 -7.27
C VAL A 306 -8.14 7.43 -8.07
N VAL A 307 -7.49 8.52 -7.69
CA VAL A 307 -7.78 9.87 -8.25
C VAL A 307 -7.26 9.91 -9.68
N MET A 308 -6.06 9.42 -9.95
CA MET A 308 -5.45 9.55 -11.30
C MET A 308 -6.09 8.58 -12.29
N TRP A 309 -6.78 7.55 -11.81
CA TRP A 309 -7.48 6.62 -12.73
C TRP A 309 -8.96 6.97 -12.81
N CYS A 310 -9.40 7.86 -11.94
CA CYS A 310 -10.83 8.16 -11.80
C CYS A 310 -11.38 8.75 -13.09
N PRO A 311 -10.76 9.77 -13.76
CA PRO A 311 -11.34 10.31 -14.99
C PRO A 311 -11.49 9.27 -16.11
N PHE A 312 -10.53 8.37 -16.27
CA PHE A 312 -10.62 7.30 -17.30
C PHE A 312 -11.73 6.31 -16.95
N PHE A 313 -11.75 5.80 -15.73
CA PHE A 313 -12.69 4.71 -15.34
C PHE A 313 -14.15 5.19 -15.49
N ILE A 314 -14.46 6.41 -15.05
CA ILE A 314 -15.88 6.87 -15.06
C ILE A 314 -16.27 7.20 -16.50
N THR A 315 -15.39 7.86 -17.27
CA THR A 315 -15.68 8.22 -18.68
C THR A 315 -15.92 6.95 -19.48
N ASN A 316 -15.09 5.96 -19.28
CA ASN A 316 -15.19 4.67 -19.99
C ASN A 316 -16.50 3.98 -19.63
N ILE A 317 -16.99 4.15 -18.40
CA ILE A 317 -18.32 3.61 -17.98
C ILE A 317 -19.44 4.54 -18.47
N MET A 318 -19.23 5.86 -18.50
CA MET A 318 -20.20 6.81 -19.11
C MET A 318 -20.27 6.64 -20.63
N ALA A 319 -19.21 6.20 -21.30
CA ALA A 319 -19.25 5.91 -22.75
C ALA A 319 -20.29 4.83 -23.02
N VAL A 320 -20.33 3.81 -22.15
CA VAL A 320 -21.21 2.61 -22.29
C VAL A 320 -22.65 3.04 -21.96
N ILE A 321 -22.84 3.93 -21.00
CA ILE A 321 -24.20 4.35 -20.56
C ILE A 321 -24.84 5.23 -21.65
N CYS A 322 -24.24 6.35 -22.03
CA CYS A 322 -24.74 7.17 -23.17
C CYS A 322 -24.00 6.73 -24.43
N LYS A 323 -24.40 5.62 -25.03
CA LYS A 323 -23.57 4.98 -26.08
C LYS A 323 -23.83 5.70 -27.40
N GLU A 324 -25.10 5.91 -27.75
CA GLU A 324 -25.46 6.56 -29.03
C GLU A 324 -25.72 8.06 -28.79
N SER A 325 -26.12 8.44 -27.58
CA SER A 325 -26.44 9.85 -27.16
C SER A 325 -25.22 10.76 -27.32
N CYS A 326 -24.06 10.34 -26.78
CA CYS A 326 -22.91 11.23 -26.49
C CYS A 326 -21.98 11.30 -27.69
N ASN A 327 -21.20 12.37 -27.78
CA ASN A 327 -20.15 12.51 -28.82
C ASN A 327 -19.03 11.50 -28.52
N GLU A 328 -19.13 10.29 -29.08
CA GLU A 328 -18.16 9.20 -28.82
C GLU A 328 -16.80 9.56 -29.42
N ASP A 329 -16.76 10.47 -30.39
CA ASP A 329 -15.50 11.09 -30.89
C ASP A 329 -14.85 11.88 -29.76
N VAL A 330 -15.64 12.65 -29.00
CA VAL A 330 -15.11 13.47 -27.87
C VAL A 330 -14.70 12.54 -26.73
N ILE A 331 -15.57 11.59 -26.41
CA ILE A 331 -15.37 10.57 -25.34
C ILE A 331 -14.07 9.81 -25.60
N GLY A 332 -13.90 9.29 -26.81
CA GLY A 332 -12.66 8.60 -27.24
C GLY A 332 -11.45 9.52 -27.16
N ALA A 333 -11.61 10.82 -27.42
CA ALA A 333 -10.49 11.80 -27.33
C ALA A 333 -10.15 11.99 -25.85
N LEU A 334 -11.14 12.03 -24.98
CA LEU A 334 -10.88 12.15 -23.53
C LEU A 334 -10.19 10.87 -23.02
N LEU A 335 -10.63 9.69 -23.45
CA LEU A 335 -10.06 8.42 -22.98
C LEU A 335 -8.59 8.35 -23.40
N ASN A 336 -8.23 8.86 -24.59
CA ASN A 336 -6.82 8.88 -25.05
C ASN A 336 -5.94 9.76 -24.14
N VAL A 337 -6.50 10.77 -23.47
CA VAL A 337 -5.73 11.69 -22.58
C VAL A 337 -5.81 11.16 -21.15
N PHE A 338 -7.00 10.76 -20.71
CA PHE A 338 -7.23 10.24 -19.34
C PHE A 338 -6.46 8.93 -19.07
N VAL A 339 -6.15 8.15 -20.10
CA VAL A 339 -5.27 6.95 -19.96
C VAL A 339 -3.86 7.40 -19.58
N TRP A 340 -3.45 8.63 -19.89
CA TRP A 340 -2.08 9.17 -19.59
C TRP A 340 -2.01 9.80 -18.20
N ILE A 341 -3.12 10.28 -17.67
CA ILE A 341 -3.16 10.64 -16.22
C ILE A 341 -2.95 9.34 -15.44
N GLY A 342 -3.61 8.26 -15.81
CA GLY A 342 -3.43 6.99 -15.11
C GLY A 342 -2.05 6.39 -15.34
N TYR A 343 -1.45 6.60 -16.51
CA TYR A 343 -0.09 6.08 -16.75
C TYR A 343 0.89 6.87 -15.87
N LEU A 344 0.57 8.13 -15.57
CA LEU A 344 1.45 9.04 -14.79
C LEU A 344 1.52 8.54 -13.34
N ASN A 345 0.53 7.77 -12.92
CA ASN A 345 0.49 7.19 -11.57
C ASN A 345 1.66 6.21 -11.37
N SER A 346 2.10 5.60 -12.47
CA SER A 346 3.25 4.65 -12.44
C SER A 346 4.52 5.39 -12.01
N ALA A 347 4.62 6.68 -12.32
CA ALA A 347 5.81 7.50 -12.03
C ALA A 347 5.80 8.05 -10.60
N VAL A 348 4.66 8.14 -9.91
CA VAL A 348 4.55 8.89 -8.62
C VAL A 348 4.90 8.04 -7.38
N ASN A 349 4.66 6.74 -7.37
CA ASN A 349 4.86 5.98 -6.11
C ASN A 349 6.31 6.13 -5.65
N PRO A 350 7.32 5.99 -6.53
CA PRO A 350 8.71 6.23 -6.11
C PRO A 350 8.98 7.61 -5.49
N LEU A 351 8.41 8.67 -6.07
CA LEU A 351 8.54 10.05 -5.54
C LEU A 351 7.96 10.10 -4.12
N VAL A 352 6.79 9.49 -3.92
CA VAL A 352 6.11 9.52 -2.60
C VAL A 352 7.08 8.93 -1.58
N TYR A 353 7.75 7.85 -1.96
CA TYR A 353 8.70 7.17 -1.05
C TYR A 353 9.84 8.13 -0.68
N THR A 354 10.37 8.89 -1.64
CA THR A 354 11.47 9.84 -1.35
C THR A 354 10.98 10.92 -0.38
N LEU A 355 9.80 11.46 -0.63
CA LEU A 355 9.28 12.59 0.19
C LEU A 355 9.01 12.14 1.62
N PHE A 356 8.52 10.92 1.84
CA PHE A 356 8.06 10.53 3.20
C PHE A 356 8.85 9.35 3.80
N ASN A 357 10.00 8.93 3.26
CA ASN A 357 10.81 7.89 3.94
C ASN A 357 12.28 8.22 3.71
N LYS A 358 13.03 8.43 4.79
CA LYS A 358 14.48 8.73 4.73
C LYS A 358 15.22 7.52 4.14
N THR A 359 14.72 6.31 4.34
CA THR A 359 15.47 5.08 3.96
C THR A 359 15.48 4.96 2.44
N TYR A 360 14.34 5.16 1.80
CA TYR A 360 14.22 5.20 0.32
C TYR A 360 15.03 6.37 -0.21
N ARG A 361 14.85 7.56 0.39
CA ARG A 361 15.45 8.82 -0.12
C ARG A 361 16.97 8.68 -0.14
N SER A 362 17.55 8.14 0.93
CA SER A 362 19.00 7.93 1.06
C SER A 362 19.47 6.85 0.08
N ALA A 363 18.66 5.80 -0.11
CA ALA A 363 19.02 4.67 -0.99
C ALA A 363 19.11 5.20 -2.42
N PHE A 364 18.09 5.94 -2.83
CA PHE A 364 18.00 6.55 -4.19
C PHE A 364 19.18 7.49 -4.38
N SER A 365 19.49 8.28 -3.35
CA SER A 365 20.58 9.29 -3.34
C SER A 365 21.91 8.57 -3.61
N ARG A 366 22.10 7.42 -2.97
CA ARG A 366 23.34 6.64 -3.14
C ARG A 366 23.40 5.97 -4.53
N TYR A 367 22.28 5.55 -5.09
CA TYR A 367 22.26 4.74 -6.35
C TYR A 367 22.46 5.66 -7.56
N ILE A 368 21.92 6.86 -7.49
CA ILE A 368 22.17 7.96 -8.46
C ILE A 368 23.68 8.27 -8.47
N GLN A 369 24.35 8.16 -7.31
CA GLN A 369 25.83 8.33 -7.20
C GLN A 369 26.60 7.03 -7.54
N CYS A 370 25.91 5.97 -8.01
CA CYS A 370 26.48 4.64 -8.41
C CYS A 370 27.31 4.03 -7.28
N GLN A 371 26.62 3.59 -6.24
CA GLN A 371 27.23 3.27 -4.92
C GLN A 371 26.28 2.31 -4.19
N TYR A 372 26.61 1.02 -4.13
CA TYR A 372 25.61 -0.06 -3.91
C TYR A 372 25.89 -0.87 -2.62
N LYS A 373 26.67 -0.34 -1.66
CA LYS A 373 27.08 -1.04 -0.41
C LYS A 373 26.34 -0.45 0.80
N GLU A 374 25.61 -1.28 1.55
CA GLU A 374 24.67 -0.83 2.62
C GLU A 374 25.44 -0.49 3.88
#